data_2KYA
#
_entry.id   2KYA
#
_entity_poly.entity_id   1
_entity_poly.type   'polypeptide(L)'
_entity_poly.pdbx_seq_one_letter_code
;MNKKNILPQQGQPVIRLTAGQLSSQLAELSEEAL
;
_entity_poly.pdbx_strand_id   A
#
# COMPACT_ATOMS: atom_id res chain seq x y z
N MET A 1 -19.19 20.02 -2.47
CA MET A 1 -17.87 20.56 -2.02
C MET A 1 -17.37 19.81 -0.79
N ASN A 2 -16.74 18.67 -1.00
CA ASN A 2 -16.21 17.87 0.10
C ASN A 2 -14.84 17.30 -0.25
N LYS A 3 -13.98 17.18 0.75
CA LYS A 3 -12.64 16.65 0.55
C LYS A 3 -12.28 15.62 1.61
N LYS A 4 -13.23 14.74 1.92
CA LYS A 4 -13.02 13.71 2.93
C LYS A 4 -12.41 12.46 2.31
N ASN A 5 -12.91 12.08 1.13
CA ASN A 5 -12.41 10.90 0.44
C ASN A 5 -11.68 11.29 -0.85
N ILE A 6 -11.87 12.54 -1.27
CA ILE A 6 -11.24 13.04 -2.48
C ILE A 6 -9.88 13.66 -2.18
N LEU A 7 -8.82 12.85 -2.34
CA LEU A 7 -7.46 13.32 -2.08
C LEU A 7 -7.05 14.34 -3.15
N PRO A 8 -6.09 15.24 -2.82
CA PRO A 8 -5.62 16.24 -3.75
C PRO A 8 -4.53 15.72 -4.68
N GLN A 9 -3.64 16.60 -5.10
CA GLN A 9 -2.55 16.23 -6.00
C GLN A 9 -1.54 15.34 -5.29
N GLN A 10 -1.84 15.02 -4.04
CA GLN A 10 -0.98 14.19 -3.23
C GLN A 10 -1.00 12.74 -3.69
N GLY A 11 -2.05 12.01 -3.28
CA GLY A 11 -2.16 10.61 -3.67
C GLY A 11 -1.13 9.73 -2.99
N GLN A 12 -0.43 10.32 -2.04
CA GLN A 12 0.60 9.62 -1.29
C GLN A 12 0.03 8.43 -0.50
N PRO A 13 -1.08 8.63 0.22
CA PRO A 13 -1.72 7.60 1.04
C PRO A 13 -2.39 6.53 0.20
N VAL A 14 -2.48 6.80 -1.10
CA VAL A 14 -3.08 5.85 -2.03
C VAL A 14 -2.05 4.78 -2.37
N ILE A 15 -0.79 5.10 -2.14
CA ILE A 15 0.30 4.18 -2.42
C ILE A 15 0.64 3.38 -1.16
N ARG A 16 0.35 3.98 -0.02
CA ARG A 16 0.60 3.35 1.27
C ARG A 16 -0.49 2.34 1.56
N LEU A 17 -1.71 2.76 1.26
CA LEU A 17 -2.89 1.92 1.46
C LEU A 17 -2.83 0.69 0.56
N THR A 18 -2.46 0.91 -0.69
CA THR A 18 -2.35 -0.17 -1.65
C THR A 18 -1.43 -1.27 -1.14
N ALA A 19 -0.14 -0.99 -1.12
CA ALA A 19 0.84 -1.96 -0.64
C ALA A 19 0.63 -2.24 0.84
N GLY A 20 -0.17 -1.40 1.49
CA GLY A 20 -0.45 -1.57 2.89
C GLY A 20 -1.38 -2.74 3.15
N GLN A 21 -2.40 -2.84 2.32
CA GLN A 21 -3.39 -3.92 2.45
C GLN A 21 -2.72 -5.29 2.25
N LEU A 22 -1.87 -5.37 1.24
CA LEU A 22 -1.17 -6.61 0.93
C LEU A 22 -0.14 -6.93 2.01
N SER A 23 0.60 -5.91 2.42
CA SER A 23 1.62 -6.07 3.45
C SER A 23 0.98 -6.30 4.82
N SER A 24 -0.34 -6.31 4.83
CA SER A 24 -1.10 -6.54 6.04
C SER A 24 -1.43 -8.02 6.16
N GLN A 25 -1.79 -8.61 5.04
CA GLN A 25 -2.13 -10.03 4.99
C GLN A 25 -0.91 -10.89 5.28
N LEU A 26 0.27 -10.27 5.21
CA LEU A 26 1.51 -10.98 5.47
C LEU A 26 1.99 -10.70 6.89
N ALA A 27 1.71 -9.49 7.38
CA ALA A 27 2.10 -9.12 8.72
C ALA A 27 1.67 -10.21 9.71
N GLU A 28 0.42 -10.64 9.59
CA GLU A 28 -0.13 -11.67 10.43
C GLU A 28 0.74 -12.93 10.39
N LEU A 29 1.26 -13.23 9.21
CA LEU A 29 2.11 -14.39 9.02
C LEU A 29 3.54 -13.96 8.76
N SER A 30 3.97 -12.93 9.49
CA SER A 30 5.31 -12.39 9.35
C SER A 30 6.35 -13.48 9.21
N GLU A 31 7.17 -13.39 8.15
CA GLU A 31 8.21 -14.37 7.90
C GLU A 31 9.27 -14.33 8.98
N GLU A 32 9.39 -15.42 9.74
CA GLU A 32 10.38 -15.50 10.81
C GLU A 32 11.70 -16.02 10.29
N ALA A 33 12.53 -15.11 9.77
CA ALA A 33 13.83 -15.47 9.22
C ALA A 33 14.74 -14.25 9.14
N LEU A 34 15.76 -14.22 9.99
CA LEU A 34 16.71 -13.10 10.00
C LEU A 34 18.14 -13.61 9.88
N MET A 1 5.86 13.03 -16.97
CA MET A 1 5.18 13.69 -18.12
C MET A 1 3.80 14.19 -17.71
N ASN A 2 3.31 15.21 -18.43
CA ASN A 2 2.01 15.80 -18.15
C ASN A 2 1.92 16.31 -16.72
N LYS A 3 0.74 16.81 -16.35
CA LYS A 3 0.51 17.34 -15.02
C LYS A 3 -0.74 16.73 -14.39
N LYS A 4 -0.85 15.41 -14.47
CA LYS A 4 -2.01 14.70 -13.91
C LYS A 4 -1.57 13.47 -13.13
N ASN A 5 -0.26 13.20 -13.13
CA ASN A 5 0.29 12.06 -12.42
C ASN A 5 1.01 12.50 -11.16
N ILE A 6 1.43 13.76 -11.13
CA ILE A 6 2.13 14.31 -9.98
C ILE A 6 1.15 14.86 -8.95
N LEU A 7 0.76 14.02 -8.01
CA LEU A 7 -0.17 14.42 -6.96
C LEU A 7 0.57 14.68 -5.65
N PRO A 8 -0.02 15.51 -4.76
CA PRO A 8 0.59 15.85 -3.47
C PRO A 8 0.32 14.78 -2.42
N GLN A 9 0.19 15.21 -1.17
CA GLN A 9 -0.07 14.29 -0.07
C GLN A 9 -1.48 13.75 -0.13
N GLN A 10 -2.20 14.15 -1.16
CA GLN A 10 -3.57 13.72 -1.36
C GLN A 10 -3.63 12.35 -2.03
N GLY A 11 -2.71 12.11 -2.95
CA GLY A 11 -2.67 10.83 -3.65
C GLY A 11 -1.56 9.94 -3.15
N GLN A 12 -0.85 10.40 -2.14
CA GLN A 12 0.23 9.66 -1.54
C GLN A 12 -0.25 8.44 -0.75
N PRO A 13 -1.25 8.61 0.12
CA PRO A 13 -1.81 7.52 0.93
C PRO A 13 -2.42 6.43 0.08
N VAL A 14 -2.57 6.72 -1.20
CA VAL A 14 -3.13 5.75 -2.13
C VAL A 14 -2.09 4.70 -2.50
N ILE A 15 -0.83 5.03 -2.27
CA ILE A 15 0.27 4.13 -2.55
C ILE A 15 0.71 3.40 -1.28
N ARG A 16 0.40 4.01 -0.15
CA ARG A 16 0.73 3.44 1.14
C ARG A 16 -0.33 2.42 1.53
N LEU A 17 -1.56 2.77 1.20
CA LEU A 17 -2.71 1.91 1.48
C LEU A 17 -2.64 0.64 0.64
N THR A 18 -2.29 0.81 -0.63
CA THR A 18 -2.17 -0.30 -1.54
C THR A 18 -1.20 -1.34 -1.00
N ALA A 19 0.09 -1.01 -1.02
CA ALA A 19 1.11 -1.92 -0.52
C ALA A 19 0.94 -2.18 0.96
N GLY A 20 0.14 -1.34 1.61
CA GLY A 20 -0.12 -1.49 3.02
C GLY A 20 -1.05 -2.64 3.31
N GLN A 21 -2.07 -2.78 2.48
CA GLN A 21 -3.05 -3.85 2.64
C GLN A 21 -2.40 -5.21 2.46
N LEU A 22 -1.61 -5.34 1.40
CA LEU A 22 -0.92 -6.59 1.10
C LEU A 22 0.10 -6.93 2.19
N SER A 23 0.92 -5.94 2.56
CA SER A 23 1.92 -6.14 3.60
C SER A 23 1.28 -6.31 4.97
N SER A 24 -0.04 -6.26 4.99
CA SER A 24 -0.79 -6.43 6.22
C SER A 24 -1.28 -7.85 6.33
N GLN A 25 -1.76 -8.38 5.21
CA GLN A 25 -2.26 -9.75 5.15
C GLN A 25 -1.14 -10.74 5.45
N LEU A 26 0.09 -10.33 5.15
CA LEU A 26 1.25 -11.18 5.39
C LEU A 26 1.84 -10.91 6.76
N ALA A 27 1.74 -9.66 7.20
CA ALA A 27 2.24 -9.27 8.52
C ALA A 27 1.74 -10.22 9.59
N GLU A 28 0.46 -10.56 9.51
CA GLU A 28 -0.16 -11.45 10.46
C GLU A 28 0.42 -12.86 10.38
N LEU A 29 0.76 -13.29 9.16
CA LEU A 29 1.32 -14.62 8.96
C LEU A 29 2.32 -14.62 7.80
N SER A 30 3.55 -14.22 8.08
CA SER A 30 4.59 -14.15 7.08
C SER A 30 4.73 -15.48 6.35
N GLU A 31 4.83 -15.41 5.03
CA GLU A 31 4.97 -16.61 4.20
C GLU A 31 6.42 -17.09 4.19
N GLU A 32 6.61 -18.39 4.05
CA GLU A 32 7.95 -18.99 4.02
C GLU A 32 8.77 -18.55 5.23
N ALA A 33 8.58 -19.24 6.35
CA ALA A 33 9.30 -18.92 7.57
C ALA A 33 9.63 -20.20 8.35
N LEU A 34 10.89 -20.31 8.78
CA LEU A 34 11.32 -21.48 9.53
C LEU A 34 12.65 -21.21 10.23
N MET A 1 -3.82 17.87 5.34
CA MET A 1 -4.52 17.29 6.52
C MET A 1 -6.03 17.34 6.34
N ASN A 2 -6.50 16.69 5.28
CA ASN A 2 -7.93 16.64 4.98
C ASN A 2 -8.54 15.33 5.44
N LYS A 3 -9.86 15.29 5.50
CA LYS A 3 -10.58 14.09 5.93
C LYS A 3 -11.79 13.84 5.03
N LYS A 4 -11.52 13.38 3.81
CA LYS A 4 -12.59 13.10 2.85
C LYS A 4 -12.29 11.81 2.07
N ASN A 5 -13.34 11.16 1.60
CA ASN A 5 -13.18 9.92 0.84
C ASN A 5 -12.18 10.09 -0.29
N ILE A 6 -12.54 10.90 -1.29
CA ILE A 6 -11.67 11.14 -2.42
C ILE A 6 -10.54 12.10 -2.07
N LEU A 7 -9.35 11.85 -2.62
CA LEU A 7 -8.19 12.69 -2.35
C LEU A 7 -7.89 13.60 -3.54
N PRO A 8 -7.23 14.74 -3.29
CA PRO A 8 -6.88 15.70 -4.33
C PRO A 8 -5.71 15.22 -5.19
N GLN A 9 -4.85 16.15 -5.57
CA GLN A 9 -3.69 15.85 -6.39
C GLN A 9 -2.66 15.07 -5.59
N GLN A 10 -3.00 14.79 -4.36
CA GLN A 10 -2.12 14.06 -3.46
C GLN A 10 -2.04 12.58 -3.85
N GLY A 11 -2.95 11.77 -3.31
CA GLY A 11 -2.96 10.35 -3.62
C GLY A 11 -1.75 9.63 -3.07
N GLN A 12 -0.98 10.34 -2.27
CA GLN A 12 0.22 9.78 -1.66
C GLN A 12 -0.10 8.56 -0.78
N PRO A 13 -1.10 8.66 0.10
CA PRO A 13 -1.50 7.59 1.01
C PRO A 13 -2.28 6.50 0.29
N VAL A 14 -2.59 6.73 -0.98
CA VAL A 14 -3.31 5.75 -1.77
C VAL A 14 -2.34 4.70 -2.26
N ILE A 15 -1.07 5.06 -2.30
CA ILE A 15 0.00 4.16 -2.73
C ILE A 15 0.55 3.39 -1.54
N ARG A 16 0.38 3.99 -0.37
CA ARG A 16 0.82 3.37 0.87
C ARG A 16 -0.24 2.39 1.34
N LEU A 17 -1.48 2.81 1.16
CA LEU A 17 -2.63 1.98 1.53
C LEU A 17 -2.68 0.72 0.67
N THR A 18 -2.39 0.88 -0.61
CA THR A 18 -2.38 -0.24 -1.54
C THR A 18 -1.38 -1.30 -1.09
N ALA A 19 -0.10 -0.99 -1.23
CA ALA A 19 0.95 -1.91 -0.83
C ALA A 19 0.89 -2.16 0.67
N GLY A 20 0.15 -1.32 1.37
CA GLY A 20 0.01 -1.46 2.79
C GLY A 20 -0.87 -2.63 3.17
N GLN A 21 -1.99 -2.76 2.48
CA GLN A 21 -2.93 -3.84 2.72
C GLN A 21 -2.25 -5.20 2.52
N LEU A 22 -1.44 -5.29 1.47
CA LEU A 22 -0.72 -6.52 1.16
C LEU A 22 0.32 -6.81 2.23
N SER A 23 1.14 -5.80 2.55
CA SER A 23 2.18 -5.95 3.55
C SER A 23 1.58 -6.09 4.94
N SER A 24 0.27 -6.05 5.00
CA SER A 24 -0.45 -6.19 6.26
C SER A 24 -0.88 -7.62 6.46
N GLN A 25 -1.30 -8.24 5.36
CA GLN A 25 -1.73 -9.62 5.38
C GLN A 25 -0.59 -10.53 5.81
N LEU A 26 0.64 -10.07 5.59
CA LEU A 26 1.83 -10.83 5.96
C LEU A 26 2.10 -10.71 7.45
N ALA A 27 1.80 -9.55 8.02
CA ALA A 27 1.99 -9.31 9.44
C ALA A 27 1.32 -10.38 10.29
N GLU A 28 0.35 -11.07 9.69
CA GLU A 28 -0.37 -12.11 10.38
C GLU A 28 -0.04 -13.49 9.82
N LEU A 29 -0.04 -13.59 8.50
CA LEU A 29 0.26 -14.85 7.82
C LEU A 29 1.37 -14.65 6.79
N SER A 30 2.54 -14.24 7.28
CA SER A 30 3.69 -14.01 6.42
C SER A 30 3.93 -15.19 5.49
N GLU A 31 3.99 -14.91 4.19
CA GLU A 31 4.22 -15.95 3.19
C GLU A 31 5.63 -15.86 2.62
N GLU A 32 6.10 -14.62 2.41
CA GLU A 32 7.43 -14.40 1.87
C GLU A 32 8.50 -14.83 2.86
N ALA A 33 9.74 -14.92 2.38
CA ALA A 33 10.85 -15.32 3.22
C ALA A 33 12.18 -14.85 2.64
N LEU A 34 13.00 -14.23 3.48
CA LEU A 34 14.31 -13.74 3.05
C LEU A 34 15.31 -14.88 2.91
N MET A 1 16.01 7.76 -8.68
CA MET A 1 14.66 8.27 -8.36
C MET A 1 14.41 9.61 -9.05
N ASN A 2 13.70 9.57 -10.17
CA ASN A 2 13.40 10.78 -10.93
C ASN A 2 11.91 10.85 -11.26
N LYS A 3 11.48 12.01 -11.75
CA LYS A 3 10.08 12.24 -12.13
C LYS A 3 9.13 11.55 -11.16
N LYS A 4 9.41 11.68 -9.86
CA LYS A 4 8.59 11.07 -8.83
C LYS A 4 7.53 12.05 -8.32
N ASN A 5 6.38 12.07 -8.98
CA ASN A 5 5.29 12.97 -8.60
C ASN A 5 3.95 12.40 -9.04
N ILE A 6 3.40 11.49 -8.25
CA ILE A 6 2.12 10.88 -8.55
C ILE A 6 0.99 11.54 -7.76
N LEU A 7 0.45 12.61 -8.33
CA LEU A 7 -0.64 13.36 -7.68
C LEU A 7 -0.17 13.99 -6.36
N PRO A 8 -0.86 15.05 -5.91
CA PRO A 8 -0.51 15.75 -4.66
C PRO A 8 -0.61 14.84 -3.43
N GLN A 9 -0.92 15.44 -2.29
CA GLN A 9 -1.06 14.70 -1.06
C GLN A 9 -2.29 13.80 -1.07
N GLN A 10 -2.98 13.84 -2.20
CA GLN A 10 -4.18 13.06 -2.39
C GLN A 10 -3.86 11.66 -2.89
N GLY A 11 -2.81 11.54 -3.71
CA GLY A 11 -2.42 10.26 -4.25
C GLY A 11 -1.28 9.63 -3.48
N GLN A 12 -0.83 10.32 -2.45
CA GLN A 12 0.26 9.84 -1.61
C GLN A 12 -0.16 8.65 -0.74
N PRO A 13 -1.31 8.76 -0.05
CA PRO A 13 -1.83 7.71 0.83
C PRO A 13 -2.47 6.58 0.05
N VAL A 14 -2.61 6.78 -1.26
CA VAL A 14 -3.20 5.79 -2.13
C VAL A 14 -2.17 4.72 -2.46
N ILE A 15 -0.91 5.05 -2.24
CA ILE A 15 0.20 4.13 -2.49
C ILE A 15 0.58 3.41 -1.20
N ARG A 16 0.34 4.09 -0.09
CA ARG A 16 0.64 3.54 1.23
C ARG A 16 -0.41 2.52 1.60
N LEU A 17 -1.65 2.88 1.31
CA LEU A 17 -2.79 2.01 1.57
C LEU A 17 -2.69 0.72 0.77
N THR A 18 -2.33 0.86 -0.50
CA THR A 18 -2.18 -0.28 -1.38
C THR A 18 -1.18 -1.28 -0.82
N ALA A 19 0.09 -0.90 -0.81
CA ALA A 19 1.14 -1.75 -0.29
C ALA A 19 0.92 -2.03 1.20
N GLY A 20 0.08 -1.21 1.81
CA GLY A 20 -0.21 -1.38 3.22
C GLY A 20 -1.11 -2.57 3.49
N GLN A 21 -2.13 -2.71 2.67
CA GLN A 21 -3.08 -3.81 2.79
C GLN A 21 -2.39 -5.15 2.56
N LEU A 22 -1.53 -5.18 1.54
CA LEU A 22 -0.80 -6.40 1.21
C LEU A 22 0.19 -6.76 2.31
N SER A 23 0.99 -5.79 2.72
CA SER A 23 1.99 -6.02 3.76
C SER A 23 1.33 -6.25 5.11
N SER A 24 0.01 -6.19 5.11
CA SER A 24 -0.76 -6.40 6.32
C SER A 24 -1.21 -7.85 6.41
N GLN A 25 -1.66 -8.38 5.27
CA GLN A 25 -2.11 -9.76 5.19
C GLN A 25 -0.96 -10.71 5.48
N LEU A 26 0.25 -10.30 5.09
CA LEU A 26 1.44 -11.11 5.32
C LEU A 26 1.94 -10.96 6.74
N ALA A 27 1.77 -9.75 7.28
CA ALA A 27 2.21 -9.45 8.64
C ALA A 27 1.66 -10.48 9.63
N GLU A 28 0.40 -10.87 9.44
CA GLU A 28 -0.24 -11.83 10.31
C GLU A 28 0.24 -13.26 10.03
N LEU A 29 0.66 -13.51 8.79
CA LEU A 29 1.13 -14.84 8.42
C LEU A 29 2.28 -14.73 7.41
N SER A 30 3.47 -14.42 7.93
CA SER A 30 4.65 -14.29 7.10
C SER A 30 4.83 -15.50 6.19
N GLU A 31 4.66 -15.29 4.89
CA GLU A 31 4.81 -16.36 3.91
C GLU A 31 6.27 -16.54 3.52
N GLU A 32 7.13 -15.70 4.06
CA GLU A 32 8.56 -15.77 3.77
C GLU A 32 9.17 -17.06 4.27
N ALA A 33 10.21 -17.54 3.59
CA ALA A 33 10.88 -18.77 3.96
C ALA A 33 12.32 -18.80 3.45
N LEU A 34 13.18 -19.53 4.14
CA LEU A 34 14.58 -19.64 3.73
C LEU A 34 15.10 -21.06 3.94
N MET A 1 -19.51 3.09 3.94
CA MET A 1 -18.68 3.91 3.03
C MET A 1 -18.73 5.38 3.41
N ASN A 2 -17.60 6.05 3.29
CA ASN A 2 -17.52 7.48 3.62
C ASN A 2 -17.63 8.34 2.37
N LYS A 3 -18.32 9.47 2.49
CA LYS A 3 -18.50 10.38 1.36
C LYS A 3 -17.33 11.36 1.27
N LYS A 4 -16.11 10.83 1.35
CA LYS A 4 -14.91 11.64 1.27
C LYS A 4 -13.70 10.78 0.92
N ASN A 5 -13.92 9.81 0.05
CA ASN A 5 -12.85 8.90 -0.37
C ASN A 5 -12.19 9.42 -1.65
N ILE A 6 -12.61 10.59 -2.10
CA ILE A 6 -12.06 11.20 -3.31
C ILE A 6 -10.90 12.12 -2.97
N LEU A 7 -9.68 11.63 -3.17
CA LEU A 7 -8.48 12.42 -2.88
C LEU A 7 -8.12 13.32 -4.06
N PRO A 8 -7.37 14.41 -3.81
CA PRO A 8 -6.97 15.34 -4.85
C PRO A 8 -5.75 14.88 -5.62
N GLN A 9 -4.92 15.82 -6.04
CA GLN A 9 -3.72 15.51 -6.78
C GLN A 9 -2.68 14.84 -5.91
N GLN A 10 -3.07 14.60 -4.67
CA GLN A 10 -2.19 13.95 -3.70
C GLN A 10 -1.94 12.49 -4.08
N GLY A 11 -2.87 11.61 -3.69
CA GLY A 11 -2.73 10.20 -4.01
C GLY A 11 -1.57 9.56 -3.27
N GLN A 12 -0.99 10.31 -2.35
CA GLN A 12 0.14 9.82 -1.56
C GLN A 12 -0.23 8.60 -0.71
N PRO A 13 -1.37 8.67 0.02
CA PRO A 13 -1.84 7.59 0.89
C PRO A 13 -2.45 6.45 0.10
N VAL A 14 -2.62 6.66 -1.21
CA VAL A 14 -3.18 5.65 -2.08
C VAL A 14 -2.10 4.62 -2.40
N ILE A 15 -0.86 5.04 -2.27
CA ILE A 15 0.29 4.18 -2.54
C ILE A 15 0.70 3.46 -1.27
N ARG A 16 0.35 4.05 -0.14
CA ARG A 16 0.66 3.48 1.17
C ARG A 16 -0.41 2.47 1.53
N LEU A 17 -1.64 2.84 1.19
CA LEU A 17 -2.79 1.97 1.45
C LEU A 17 -2.72 0.71 0.60
N THR A 18 -2.28 0.86 -0.64
CA THR A 18 -2.16 -0.26 -1.55
C THR A 18 -1.19 -1.31 -1.00
N ALA A 19 0.10 -0.96 -1.00
CA ALA A 19 1.12 -1.85 -0.50
C ALA A 19 0.98 -2.05 1.00
N GLY A 20 0.14 -1.23 1.62
CA GLY A 20 -0.07 -1.33 3.05
C GLY A 20 -1.02 -2.44 3.41
N GLN A 21 -2.03 -2.63 2.58
CA GLN A 21 -3.03 -3.68 2.82
C GLN A 21 -2.42 -5.07 2.64
N LEU A 22 -1.64 -5.22 1.57
CA LEU A 22 -1.00 -6.49 1.28
C LEU A 22 0.10 -6.80 2.29
N SER A 23 0.98 -5.83 2.53
CA SER A 23 2.06 -6.02 3.48
C SER A 23 1.56 -6.15 4.90
N SER A 24 0.24 -6.08 5.04
CA SER A 24 -0.40 -6.23 6.34
C SER A 24 -0.84 -7.67 6.53
N GLN A 25 -1.38 -8.24 5.46
CA GLN A 25 -1.83 -9.62 5.48
C GLN A 25 -0.66 -10.55 5.80
N LEU A 26 0.56 -10.08 5.51
CA LEU A 26 1.76 -10.85 5.77
C LEU A 26 2.13 -10.78 7.25
N ALA A 27 1.93 -9.61 7.84
CA ALA A 27 2.25 -9.40 9.25
C ALA A 27 1.60 -10.46 10.13
N GLU A 28 0.57 -11.12 9.60
CA GLU A 28 -0.13 -12.15 10.34
C GLU A 28 0.10 -13.52 9.72
N LEU A 29 0.03 -13.60 8.40
CA LEU A 29 0.21 -14.86 7.69
C LEU A 29 1.20 -14.70 6.54
N SER A 30 2.41 -14.25 6.87
CA SER A 30 3.45 -14.06 5.87
C SER A 30 3.68 -15.34 5.06
N GLU A 31 3.60 -15.21 3.74
CA GLU A 31 3.79 -16.37 2.86
C GLU A 31 5.02 -16.18 1.97
N GLU A 32 6.00 -15.41 2.47
CA GLU A 32 7.22 -15.16 1.72
C GLU A 32 8.39 -15.96 2.32
N ALA A 33 8.17 -16.50 3.52
CA ALA A 33 9.21 -17.28 4.19
C ALA A 33 8.72 -18.70 4.47
N LEU A 34 9.61 -19.66 4.27
CA LEU A 34 9.27 -21.07 4.49
C LEU A 34 10.52 -21.89 4.80
N MET A 1 -4.47 16.46 -24.39
CA MET A 1 -4.94 15.05 -24.41
C MET A 1 -3.85 14.11 -23.86
N ASN A 2 -3.84 13.95 -22.54
CA ASN A 2 -2.87 13.09 -21.88
C ASN A 2 -3.51 12.29 -20.76
N LYS A 3 -2.90 11.16 -20.41
CA LYS A 3 -3.43 10.30 -19.35
C LYS A 3 -3.47 11.04 -18.02
N LYS A 4 -2.32 11.58 -17.60
CA LYS A 4 -2.23 12.31 -16.34
C LYS A 4 -2.57 11.44 -15.15
N ASN A 5 -1.53 11.01 -14.43
CA ASN A 5 -1.72 10.16 -13.26
C ASN A 5 -0.90 10.66 -12.08
N ILE A 6 -0.30 11.84 -12.24
CA ILE A 6 0.51 12.44 -11.19
C ILE A 6 -0.36 13.18 -10.18
N LEU A 7 0.00 13.05 -8.90
CA LEU A 7 -0.73 13.71 -7.84
C LEU A 7 0.19 14.05 -6.66
N PRO A 8 -0.14 15.12 -5.91
CA PRO A 8 0.65 15.55 -4.76
C PRO A 8 0.44 14.65 -3.55
N GLN A 9 0.41 15.25 -2.36
CA GLN A 9 0.23 14.51 -1.14
C GLN A 9 -1.20 13.98 -1.01
N GLN A 10 -1.96 14.25 -2.05
CA GLN A 10 -3.36 13.82 -2.09
C GLN A 10 -3.46 12.31 -2.32
N GLY A 11 -2.87 11.84 -3.41
CA GLY A 11 -2.89 10.43 -3.73
C GLY A 11 -1.72 9.68 -3.16
N GLN A 12 -0.93 10.38 -2.35
CA GLN A 12 0.24 9.80 -1.72
C GLN A 12 -0.11 8.59 -0.84
N PRO A 13 -1.13 8.73 0.02
CA PRO A 13 -1.58 7.67 0.92
C PRO A 13 -2.29 6.55 0.19
N VAL A 14 -2.53 6.75 -1.10
CA VAL A 14 -3.19 5.75 -1.91
C VAL A 14 -2.17 4.70 -2.33
N ILE A 15 -0.90 5.09 -2.31
CA ILE A 15 0.20 4.20 -2.67
C ILE A 15 0.70 3.47 -1.43
N ARG A 16 0.43 4.05 -0.28
CA ARG A 16 0.81 3.48 1.00
C ARG A 16 -0.25 2.50 1.42
N LEU A 17 -1.49 2.89 1.19
CA LEU A 17 -2.64 2.06 1.52
C LEU A 17 -2.63 0.78 0.67
N THR A 18 -2.24 0.93 -0.59
CA THR A 18 -2.18 -0.20 -1.50
C THR A 18 -1.21 -1.25 -0.99
N ALA A 19 0.07 -0.94 -1.06
CA ALA A 19 1.10 -1.86 -0.58
C ALA A 19 0.93 -2.14 0.90
N GLY A 20 0.16 -1.28 1.56
CA GLY A 20 -0.09 -1.43 2.97
C GLY A 20 -1.01 -2.60 3.27
N GLN A 21 -2.09 -2.68 2.51
CA GLN A 21 -3.08 -3.75 2.68
C GLN A 21 -2.42 -5.11 2.47
N LEU A 22 -1.56 -5.19 1.46
CA LEU A 22 -0.85 -6.43 1.15
C LEU A 22 0.12 -6.78 2.26
N SER A 23 0.94 -5.83 2.67
CA SER A 23 1.92 -6.05 3.71
C SER A 23 1.25 -6.23 5.07
N SER A 24 -0.06 -6.17 5.07
CA SER A 24 -0.83 -6.34 6.30
C SER A 24 -1.34 -7.77 6.39
N GLN A 25 -1.73 -8.34 5.25
CA GLN A 25 -2.22 -9.70 5.21
C GLN A 25 -1.09 -10.68 5.50
N LEU A 26 0.14 -10.24 5.24
CA LEU A 26 1.31 -11.05 5.47
C LEU A 26 1.79 -10.90 6.92
N ALA A 27 1.51 -9.74 7.49
CA ALA A 27 1.89 -9.47 8.88
C ALA A 27 1.40 -10.58 9.81
N GLU A 28 0.19 -11.07 9.55
CA GLU A 28 -0.38 -12.12 10.34
C GLU A 28 0.36 -13.44 10.15
N LEU A 29 0.93 -13.63 8.95
CA LEU A 29 1.67 -14.83 8.63
C LEU A 29 2.94 -14.51 7.86
N SER A 30 3.87 -13.86 8.54
CA SER A 30 5.14 -13.45 7.93
C SER A 30 5.74 -14.59 7.12
N GLU A 31 5.74 -15.79 7.70
CA GLU A 31 6.27 -16.97 7.02
C GLU A 31 5.45 -17.31 5.79
N GLU A 32 5.89 -16.84 4.63
CA GLU A 32 5.20 -17.08 3.38
C GLU A 32 5.04 -18.59 3.12
N ALA A 33 5.98 -19.37 3.64
CA ALA A 33 5.95 -20.80 3.47
C ALA A 33 4.72 -21.41 4.15
N LEU A 34 3.75 -21.83 3.35
CA LEU A 34 2.53 -22.42 3.87
C LEU A 34 2.06 -23.57 2.99
N MET A 1 -6.33 2.51 -17.69
CA MET A 1 -7.43 3.39 -17.21
C MET A 1 -6.88 4.53 -16.35
N ASN A 2 -7.50 5.70 -16.48
CA ASN A 2 -7.07 6.88 -15.73
C ASN A 2 -8.25 7.52 -15.01
N LYS A 3 -8.43 7.17 -13.74
CA LYS A 3 -9.52 7.72 -12.94
C LYS A 3 -8.98 8.62 -11.83
N LYS A 4 -8.12 9.55 -12.20
CA LYS A 4 -7.53 10.49 -11.23
C LYS A 4 -8.53 11.57 -10.85
N ASN A 5 -9.33 11.30 -9.83
CA ASN A 5 -10.33 12.25 -9.37
C ASN A 5 -10.20 12.52 -7.87
N ILE A 6 -10.47 11.49 -7.07
CA ILE A 6 -10.38 11.60 -5.62
C ILE A 6 -9.00 12.12 -5.20
N LEU A 7 -8.98 12.97 -4.17
CA LEU A 7 -7.73 13.55 -3.67
C LEU A 7 -7.07 14.43 -4.73
N PRO A 8 -6.19 15.36 -4.31
CA PRO A 8 -5.50 16.26 -5.23
C PRO A 8 -4.30 15.60 -5.90
N GLN A 9 -3.28 16.40 -6.18
CA GLN A 9 -2.07 15.90 -6.82
C GLN A 9 -1.26 15.04 -5.88
N GLN A 10 -1.81 14.85 -4.69
CA GLN A 10 -1.16 14.04 -3.66
C GLN A 10 -1.18 12.56 -4.04
N GLY A 11 -2.27 11.88 -3.70
CA GLY A 11 -2.38 10.46 -4.02
C GLY A 11 -1.33 9.63 -3.32
N GLN A 12 -0.61 10.26 -2.39
CA GLN A 12 0.43 9.61 -1.65
C GLN A 12 -0.09 8.45 -0.79
N PRO A 13 -1.15 8.69 0.00
CA PRO A 13 -1.76 7.66 0.86
C PRO A 13 -2.37 6.53 0.05
N VAL A 14 -2.49 6.75 -1.25
CA VAL A 14 -3.04 5.74 -2.14
C VAL A 14 -1.99 4.70 -2.45
N ILE A 15 -0.73 5.07 -2.22
CA ILE A 15 0.40 4.17 -2.46
C ILE A 15 0.75 3.44 -1.18
N ARG A 16 0.36 4.05 -0.08
CA ARG A 16 0.59 3.49 1.25
C ARG A 16 -0.52 2.51 1.57
N LEU A 17 -1.72 2.90 1.19
CA LEU A 17 -2.91 2.08 1.39
C LEU A 17 -2.81 0.80 0.58
N THR A 18 -2.28 0.91 -0.63
CA THR A 18 -2.11 -0.23 -1.52
C THR A 18 -1.18 -1.25 -0.90
N ALA A 19 0.11 -0.90 -0.83
CA ALA A 19 1.11 -1.78 -0.26
C ALA A 19 0.80 -2.05 1.21
N GLY A 20 -0.09 -1.22 1.77
CA GLY A 20 -0.46 -1.37 3.16
C GLY A 20 -1.38 -2.56 3.37
N GLN A 21 -2.40 -2.66 2.54
CA GLN A 21 -3.37 -3.75 2.63
C GLN A 21 -2.66 -5.09 2.43
N LEU A 22 -1.73 -5.11 1.48
CA LEU A 22 -0.97 -6.31 1.18
C LEU A 22 -0.04 -6.68 2.33
N SER A 23 0.72 -5.70 2.81
CA SER A 23 1.66 -5.93 3.90
C SER A 23 0.95 -6.22 5.21
N SER A 24 -0.37 -6.20 5.15
CA SER A 24 -1.19 -6.48 6.32
C SER A 24 -1.62 -7.94 6.33
N GLN A 25 -1.88 -8.47 5.14
CA GLN A 25 -2.30 -9.86 4.99
C GLN A 25 -1.11 -10.79 5.22
N LEU A 26 0.09 -10.23 5.16
CA LEU A 26 1.31 -11.00 5.36
C LEU A 26 1.82 -10.82 6.78
N ALA A 27 1.49 -9.67 7.38
CA ALA A 27 1.91 -9.38 8.74
C ALA A 27 1.60 -10.57 9.66
N GLU A 28 0.41 -11.13 9.50
CA GLU A 28 -0.01 -12.27 10.30
C GLU A 28 0.95 -13.43 10.13
N LEU A 29 1.37 -13.68 8.89
CA LEU A 29 2.29 -14.78 8.60
C LEU A 29 3.57 -14.25 7.96
N SER A 30 4.19 -13.30 8.63
CA SER A 30 5.42 -12.68 8.14
C SER A 30 6.43 -13.74 7.71
N GLU A 31 6.55 -14.79 8.51
CA GLU A 31 7.49 -15.88 8.21
C GLU A 31 7.18 -16.50 6.84
N GLU A 32 8.19 -16.51 5.97
CA GLU A 32 8.03 -17.07 4.63
C GLU A 32 9.34 -17.69 4.15
N ALA A 33 10.25 -17.95 5.08
CA ALA A 33 11.54 -18.53 4.73
C ALA A 33 11.97 -19.55 5.78
N LEU A 34 12.18 -20.79 5.34
CA LEU A 34 12.61 -21.85 6.23
C LEU A 34 14.07 -22.22 6.00
N MET A 1 -3.21 4.43 -19.56
CA MET A 1 -2.67 5.75 -20.02
C MET A 1 -3.10 6.87 -19.08
N ASN A 2 -2.16 7.33 -18.25
CA ASN A 2 -2.45 8.40 -17.30
C ASN A 2 -1.16 9.06 -16.83
N LYS A 3 -1.06 10.37 -17.03
CA LYS A 3 0.12 11.12 -16.62
C LYS A 3 -0.21 12.10 -15.49
N LYS A 4 -0.85 11.57 -14.45
CA LYS A 4 -1.24 12.38 -13.30
C LYS A 4 -0.77 11.75 -12.01
N ASN A 5 0.33 11.00 -12.08
CA ASN A 5 0.89 10.33 -10.91
C ASN A 5 1.40 11.36 -9.90
N ILE A 6 1.82 12.52 -10.38
CA ILE A 6 2.33 13.57 -9.52
C ILE A 6 1.18 14.26 -8.78
N LEU A 7 0.96 13.85 -7.54
CA LEU A 7 -0.12 14.42 -6.73
C LEU A 7 0.38 14.75 -5.33
N PRO A 8 -0.33 15.64 -4.61
CA PRO A 8 0.03 16.03 -3.25
C PRO A 8 -0.26 14.94 -2.24
N GLN A 9 -0.74 15.33 -1.08
CA GLN A 9 -1.06 14.41 -0.02
C GLN A 9 -2.31 13.60 -0.35
N GLN A 10 -2.83 13.84 -1.53
CA GLN A 10 -4.03 13.17 -2.01
C GLN A 10 -3.70 11.79 -2.55
N GLY A 11 -2.68 11.71 -3.40
CA GLY A 11 -2.29 10.44 -3.99
C GLY A 11 -1.16 9.76 -3.26
N GLN A 12 -0.73 10.38 -2.17
CA GLN A 12 0.36 9.86 -1.36
C GLN A 12 -0.06 8.63 -0.56
N PRO A 13 -1.20 8.69 0.14
CA PRO A 13 -1.71 7.61 0.97
C PRO A 13 -2.33 6.50 0.15
N VAL A 14 -2.48 6.74 -1.14
CA VAL A 14 -3.05 5.74 -2.04
C VAL A 14 -2.00 4.70 -2.37
N ILE A 15 -0.74 5.09 -2.22
CA ILE A 15 0.39 4.21 -2.47
C ILE A 15 0.76 3.45 -1.22
N ARG A 16 0.39 4.02 -0.09
CA ARG A 16 0.66 3.41 1.21
C ARG A 16 -0.45 2.44 1.53
N LEU A 17 -1.66 2.85 1.18
CA LEU A 17 -2.85 2.02 1.40
C LEU A 17 -2.79 0.76 0.54
N THR A 18 -2.31 0.92 -0.70
CA THR A 18 -2.18 -0.20 -1.62
C THR A 18 -1.25 -1.25 -1.06
N ALA A 19 0.04 -0.94 -1.02
CA ALA A 19 1.04 -1.87 -0.51
C ALA A 19 0.79 -2.13 0.97
N GLY A 20 -0.03 -1.29 1.59
CA GLY A 20 -0.34 -1.45 2.99
C GLY A 20 -1.30 -2.59 3.25
N GLN A 21 -2.31 -2.69 2.41
CA GLN A 21 -3.32 -3.73 2.54
C GLN A 21 -2.70 -5.11 2.34
N LEU A 22 -1.79 -5.21 1.37
CA LEU A 22 -1.12 -6.47 1.08
C LEU A 22 -0.11 -6.82 2.16
N SER A 23 0.67 -5.83 2.58
CA SER A 23 1.68 -6.04 3.61
C SER A 23 1.04 -6.28 4.97
N SER A 24 -0.28 -6.25 4.99
CA SER A 24 -1.03 -6.48 6.21
C SER A 24 -1.49 -7.92 6.29
N GLN A 25 -1.77 -8.51 5.13
CA GLN A 25 -2.21 -9.89 5.04
C GLN A 25 -1.04 -10.84 5.34
N LEU A 26 0.17 -10.33 5.20
CA LEU A 26 1.36 -11.11 5.46
C LEU A 26 1.88 -10.85 6.87
N ALA A 27 1.62 -9.66 7.37
CA ALA A 27 2.04 -9.28 8.71
C ALA A 27 1.67 -10.38 9.70
N GLU A 28 0.44 -10.85 9.60
CA GLU A 28 -0.06 -11.90 10.47
C GLU A 28 0.81 -13.15 10.39
N LEU A 29 1.20 -13.53 9.17
CA LEU A 29 2.02 -14.71 8.97
C LEU A 29 3.15 -14.42 7.98
N SER A 30 4.13 -13.63 8.44
CA SER A 30 5.26 -13.26 7.61
C SER A 30 5.86 -14.47 6.91
N GLU A 31 6.26 -15.46 7.71
CA GLU A 31 6.86 -16.68 7.16
C GLU A 31 5.88 -17.38 6.23
N GLU A 32 6.42 -18.18 5.30
CA GLU A 32 5.60 -18.90 4.33
C GLU A 32 5.93 -20.39 4.35
N ALA A 33 7.09 -20.73 4.90
CA ALA A 33 7.53 -22.12 4.98
C ALA A 33 7.67 -22.74 3.59
N LEU A 34 6.55 -23.24 3.07
CA LEU A 34 6.52 -23.86 1.74
C LEU A 34 7.55 -24.98 1.64
N MET A 1 -18.35 2.12 -4.35
CA MET A 1 -18.55 2.66 -2.99
C MET A 1 -17.58 3.81 -2.71
N ASN A 2 -18.10 4.91 -2.20
CA ASN A 2 -17.28 6.08 -1.89
C ASN A 2 -17.18 6.27 -0.37
N LYS A 3 -15.94 6.24 0.14
CA LYS A 3 -15.70 6.41 1.57
C LYS A 3 -14.64 7.47 1.81
N LYS A 4 -14.86 8.66 1.25
CA LYS A 4 -13.93 9.77 1.41
C LYS A 4 -12.54 9.41 0.89
N ASN A 5 -12.49 8.51 -0.09
CA ASN A 5 -11.22 8.09 -0.66
C ASN A 5 -10.84 8.96 -1.85
N ILE A 6 -11.41 10.17 -1.89
CA ILE A 6 -11.13 11.10 -2.97
C ILE A 6 -10.09 12.13 -2.56
N LEU A 7 -8.82 11.80 -2.80
CA LEU A 7 -7.71 12.70 -2.46
C LEU A 7 -7.37 13.61 -3.63
N PRO A 8 -6.75 14.78 -3.35
CA PRO A 8 -6.36 15.72 -4.38
C PRO A 8 -5.18 15.24 -5.21
N GLN A 9 -4.29 16.15 -5.55
CA GLN A 9 -3.11 15.82 -6.34
C GLN A 9 -2.11 15.03 -5.51
N GLN A 10 -2.50 14.75 -4.29
CA GLN A 10 -1.67 13.99 -3.37
C GLN A 10 -1.55 12.53 -3.79
N GLY A 11 -2.55 11.72 -3.44
CA GLY A 11 -2.53 10.32 -3.81
C GLY A 11 -1.41 9.57 -3.13
N GLN A 12 -0.74 10.24 -2.20
CA GLN A 12 0.37 9.66 -1.46
C GLN A 12 -0.07 8.44 -0.63
N PRO A 13 -1.19 8.56 0.10
CA PRO A 13 -1.71 7.49 0.95
C PRO A 13 -2.43 6.42 0.15
N VAL A 14 -2.71 6.71 -1.12
CA VAL A 14 -3.37 5.76 -1.98
C VAL A 14 -2.39 4.68 -2.40
N ILE A 15 -1.11 5.02 -2.33
CA ILE A 15 -0.04 4.10 -2.68
C ILE A 15 0.45 3.38 -1.45
N ARG A 16 0.27 4.03 -0.31
CA ARG A 16 0.66 3.47 0.97
C ARG A 16 -0.41 2.51 1.46
N LEU A 17 -1.64 2.80 1.07
CA LEU A 17 -2.79 1.97 1.43
C LEU A 17 -2.78 0.69 0.60
N THR A 18 -2.40 0.82 -0.66
CA THR A 18 -2.34 -0.30 -1.57
C THR A 18 -1.35 -1.34 -1.07
N ALA A 19 -0.06 -1.01 -1.14
CA ALA A 19 0.98 -1.91 -0.67
C ALA A 19 0.87 -2.13 0.83
N GLY A 20 0.13 -1.24 1.48
CA GLY A 20 -0.07 -1.36 2.91
C GLY A 20 -0.96 -2.51 3.28
N GLN A 21 -2.02 -2.68 2.51
CA GLN A 21 -2.97 -3.75 2.74
C GLN A 21 -2.30 -5.11 2.56
N LEU A 22 -1.47 -5.21 1.53
CA LEU A 22 -0.75 -6.44 1.24
C LEU A 22 0.29 -6.73 2.32
N SER A 23 1.03 -5.70 2.71
CA SER A 23 2.06 -5.85 3.74
C SER A 23 1.44 -6.05 5.12
N SER A 24 0.12 -6.03 5.15
CA SER A 24 -0.61 -6.24 6.39
C SER A 24 -1.01 -7.69 6.54
N GLN A 25 -1.40 -8.30 5.42
CA GLN A 25 -1.79 -9.70 5.40
C GLN A 25 -0.60 -10.58 5.74
N LEU A 26 0.61 -10.04 5.51
CA LEU A 26 1.83 -10.76 5.80
C LEU A 26 2.15 -10.68 7.28
N ALA A 27 1.85 -9.53 7.88
CA ALA A 27 2.09 -9.30 9.29
C ALA A 27 1.44 -10.37 10.15
N GLU A 28 0.48 -11.09 9.58
CA GLU A 28 -0.22 -12.14 10.28
C GLU A 28 0.10 -13.52 9.71
N LEU A 29 0.14 -13.59 8.38
CA LEU A 29 0.44 -14.85 7.70
C LEU A 29 1.67 -14.69 6.82
N SER A 30 2.76 -14.24 7.43
CA SER A 30 4.01 -14.03 6.71
C SER A 30 4.36 -15.24 5.84
N GLU A 31 4.47 -16.40 6.47
CA GLU A 31 4.79 -17.63 5.75
C GLU A 31 3.76 -17.92 4.67
N GLU A 32 4.25 -18.15 3.45
CA GLU A 32 3.38 -18.44 2.32
C GLU A 32 3.69 -19.82 1.74
N ALA A 33 4.11 -20.74 2.60
CA ALA A 33 4.43 -22.10 2.18
C ALA A 33 3.19 -22.97 2.14
N LEU A 34 3.31 -24.13 1.50
CA LEU A 34 2.21 -25.07 1.39
C LEU A 34 2.24 -26.10 2.51
N MET A 1 15.65 18.99 -15.80
CA MET A 1 15.79 19.36 -14.37
C MET A 1 14.43 19.42 -13.69
N ASN A 2 13.44 18.75 -14.29
CA ASN A 2 12.09 18.72 -13.75
C ASN A 2 11.36 17.46 -14.19
N LYS A 3 10.56 16.89 -13.29
CA LYS A 3 9.81 15.68 -13.59
C LYS A 3 8.37 15.79 -13.07
N LYS A 4 8.24 15.94 -11.75
CA LYS A 4 6.92 16.06 -11.12
C LYS A 4 6.04 14.86 -11.47
N ASN A 5 6.34 13.72 -10.85
CA ASN A 5 5.57 12.50 -11.09
C ASN A 5 4.68 12.17 -9.90
N ILE A 6 5.29 12.01 -8.73
CA ILE A 6 4.56 11.69 -7.51
C ILE A 6 3.63 12.84 -7.12
N LEU A 7 2.37 12.51 -6.83
CA LEU A 7 1.38 13.51 -6.44
C LEU A 7 1.47 13.79 -4.94
N PRO A 8 1.01 15.00 -4.52
CA PRO A 8 1.02 15.40 -3.11
C PRO A 8 0.26 14.43 -2.20
N GLN A 9 -0.36 14.97 -1.16
CA GLN A 9 -1.12 14.17 -0.22
C GLN A 9 -2.39 13.64 -0.85
N GLN A 10 -2.55 13.94 -2.11
CA GLN A 10 -3.72 13.51 -2.88
C GLN A 10 -3.66 12.02 -3.18
N GLY A 11 -2.50 11.55 -3.64
CA GLY A 11 -2.33 10.15 -3.97
C GLY A 11 -1.27 9.48 -3.11
N GLN A 12 -0.79 10.22 -2.13
CA GLN A 12 0.24 9.72 -1.22
C GLN A 12 -0.22 8.49 -0.45
N PRO A 13 -1.45 8.51 0.12
CA PRO A 13 -2.00 7.42 0.89
C PRO A 13 -2.59 6.33 0.01
N VAL A 14 -2.73 6.64 -1.28
CA VAL A 14 -3.26 5.67 -2.23
C VAL A 14 -2.20 4.62 -2.52
N ILE A 15 -0.94 5.01 -2.30
CA ILE A 15 0.20 4.12 -2.51
C ILE A 15 0.59 3.48 -1.20
N ARG A 16 0.22 4.14 -0.11
CA ARG A 16 0.49 3.65 1.24
C ARG A 16 -0.56 2.62 1.65
N LEU A 17 -1.75 2.79 1.10
CA LEU A 17 -2.86 1.88 1.37
C LEU A 17 -2.72 0.60 0.56
N THR A 18 -2.38 0.76 -0.70
CA THR A 18 -2.21 -0.36 -1.61
C THR A 18 -1.22 -1.37 -1.03
N ALA A 19 0.06 -0.99 -1.00
CA ALA A 19 1.10 -1.86 -0.49
C ALA A 19 0.96 -2.02 1.02
N GLY A 20 0.16 -1.16 1.63
CA GLY A 20 -0.04 -1.22 3.07
C GLY A 20 -1.03 -2.29 3.47
N GLN A 21 -1.97 -2.58 2.59
CA GLN A 21 -2.98 -3.59 2.84
C GLN A 21 -2.41 -4.99 2.63
N LEU A 22 -1.68 -5.16 1.53
CA LEU A 22 -1.07 -6.45 1.21
C LEU A 22 0.03 -6.81 2.18
N SER A 23 0.92 -5.86 2.45
CA SER A 23 2.03 -6.09 3.37
C SER A 23 1.54 -6.25 4.81
N SER A 24 0.23 -6.11 4.97
CA SER A 24 -0.39 -6.27 6.28
C SER A 24 -0.83 -7.71 6.47
N GLN A 25 -1.38 -8.28 5.40
CA GLN A 25 -1.84 -9.67 5.42
C GLN A 25 -0.68 -10.60 5.76
N LEU A 26 0.53 -10.18 5.42
CA LEU A 26 1.71 -10.99 5.68
C LEU A 26 2.17 -10.82 7.13
N ALA A 27 2.02 -9.60 7.65
CA ALA A 27 2.41 -9.30 9.02
C ALA A 27 1.77 -10.28 10.00
N GLU A 28 0.68 -10.91 9.57
CA GLU A 28 -0.01 -11.87 10.40
C GLU A 28 0.20 -13.29 9.90
N LEU A 29 0.04 -13.48 8.59
CA LEU A 29 0.22 -14.80 7.98
C LEU A 29 1.16 -14.70 6.79
N SER A 30 2.42 -14.41 7.05
CA SER A 30 3.41 -14.28 6.01
C SER A 30 3.38 -15.48 5.06
N GLU A 31 3.34 -16.68 5.63
CA GLU A 31 3.30 -17.91 4.84
C GLU A 31 2.08 -17.93 3.94
N GLU A 32 2.29 -18.27 2.68
CA GLU A 32 1.20 -18.34 1.71
C GLU A 32 1.39 -19.52 0.76
N ALA A 33 2.59 -19.68 0.24
CA ALA A 33 2.91 -20.78 -0.68
C ALA A 33 1.92 -20.82 -1.84
N LEU A 34 2.20 -20.02 -2.87
CA LEU A 34 1.33 -19.96 -4.05
C LEU A 34 1.39 -21.27 -4.83
N MET A 1 11.26 16.30 -21.91
CA MET A 1 10.10 16.01 -21.05
C MET A 1 10.52 15.22 -19.82
N ASN A 2 9.86 15.49 -18.69
CA ASN A 2 10.15 14.81 -17.44
C ASN A 2 8.93 14.08 -16.90
N LYS A 3 9.08 12.78 -16.65
CA LYS A 3 7.99 11.97 -16.14
C LYS A 3 8.39 11.29 -14.83
N LYS A 4 8.60 12.10 -13.79
CA LYS A 4 8.99 11.57 -12.48
C LYS A 4 8.15 12.20 -11.38
N ASN A 5 6.83 12.15 -11.55
CA ASN A 5 5.92 12.72 -10.56
C ASN A 5 4.51 12.14 -10.74
N ILE A 6 4.31 10.92 -10.25
CA ILE A 6 3.01 10.26 -10.35
C ILE A 6 2.02 10.86 -9.38
N LEU A 7 1.23 11.82 -9.86
CA LEU A 7 0.22 12.49 -9.03
C LEU A 7 0.85 13.22 -7.85
N PRO A 8 0.13 14.20 -7.27
CA PRO A 8 0.63 14.97 -6.13
C PRO A 8 0.42 14.25 -4.81
N GLN A 9 0.18 15.02 -3.75
CA GLN A 9 -0.03 14.47 -2.43
C GLN A 9 -1.38 13.78 -2.35
N GLN A 10 -2.08 13.79 -3.46
CA GLN A 10 -3.40 13.17 -3.57
C GLN A 10 -3.27 11.66 -3.69
N GLY A 11 -2.26 11.21 -4.42
CA GLY A 11 -2.04 9.79 -4.60
C GLY A 11 -1.10 9.22 -3.58
N GLN A 12 -0.69 10.05 -2.64
CA GLN A 12 0.21 9.66 -1.58
C GLN A 12 -0.33 8.50 -0.73
N PRO A 13 -1.60 8.58 -0.31
CA PRO A 13 -2.24 7.56 0.50
C PRO A 13 -2.69 6.36 -0.33
N VAL A 14 -2.65 6.52 -1.64
CA VAL A 14 -3.02 5.45 -2.54
C VAL A 14 -1.91 4.41 -2.58
N ILE A 15 -0.70 4.85 -2.25
CA ILE A 15 0.46 3.99 -2.22
C ILE A 15 0.68 3.46 -0.81
N ARG A 16 0.17 4.20 0.16
CA ARG A 16 0.27 3.83 1.56
C ARG A 16 -0.79 2.82 1.91
N LEU A 17 -1.93 2.93 1.23
CA LEU A 17 -3.05 2.02 1.43
C LEU A 17 -2.78 0.68 0.75
N THR A 18 -2.30 0.74 -0.48
CA THR A 18 -1.98 -0.45 -1.24
C THR A 18 -1.03 -1.35 -0.47
N ALA A 19 0.21 -0.91 -0.34
CA ALA A 19 1.22 -1.67 0.37
C ALA A 19 0.91 -1.73 1.87
N GLY A 20 -0.03 -0.90 2.30
CA GLY A 20 -0.41 -0.87 3.69
C GLY A 20 -1.33 -2.00 4.07
N GLN A 21 -2.20 -2.37 3.14
CA GLN A 21 -3.15 -3.46 3.37
C GLN A 21 -2.55 -4.78 2.91
N LEU A 22 -1.82 -4.73 1.81
CA LEU A 22 -1.18 -5.92 1.25
C LEU A 22 -0.08 -6.44 2.18
N SER A 23 0.89 -5.59 2.49
CA SER A 23 1.99 -5.99 3.36
C SER A 23 1.49 -6.29 4.77
N SER A 24 0.23 -6.00 5.00
CA SER A 24 -0.40 -6.25 6.28
C SER A 24 -0.93 -7.68 6.32
N GLN A 25 -1.51 -8.11 5.21
CA GLN A 25 -2.05 -9.46 5.10
C GLN A 25 -0.96 -10.50 5.33
N LEU A 26 0.27 -10.12 5.02
CA LEU A 26 1.41 -11.01 5.20
C LEU A 26 1.89 -11.01 6.64
N ALA A 27 1.78 -9.84 7.28
CA ALA A 27 2.21 -9.68 8.66
C ALA A 27 1.59 -10.75 9.56
N GLU A 28 0.40 -11.22 9.19
CA GLU A 28 -0.29 -12.24 9.95
C GLU A 28 0.30 -13.63 9.68
N LEU A 29 0.77 -13.85 8.45
CA LEU A 29 1.34 -15.13 8.08
C LEU A 29 2.64 -14.95 7.31
N SER A 30 3.57 -14.21 7.91
CA SER A 30 4.87 -13.96 7.30
C SER A 30 5.57 -15.27 6.93
N GLU A 31 5.68 -16.16 7.91
CA GLU A 31 6.32 -17.46 7.69
C GLU A 31 5.65 -18.22 6.56
N GLU A 32 6.44 -18.58 5.55
CA GLU A 32 5.93 -19.32 4.40
C GLU A 32 5.68 -20.78 4.75
N ALA A 33 4.48 -21.27 4.41
CA ALA A 33 4.12 -22.65 4.69
C ALA A 33 4.41 -23.55 3.49
N LEU A 34 4.92 -24.75 3.76
CA LEU A 34 5.24 -25.70 2.70
C LEU A 34 3.98 -26.24 2.04
N MET A 1 1.57 14.21 -22.52
CA MET A 1 0.15 13.83 -22.36
C MET A 1 -0.06 13.03 -21.07
N ASN A 2 -0.61 13.69 -20.05
CA ASN A 2 -0.85 13.04 -18.76
C ASN A 2 -2.26 13.35 -18.28
N LYS A 3 -2.67 12.68 -17.20
CA LYS A 3 -3.99 12.87 -16.63
C LYS A 3 -3.91 13.14 -15.13
N LYS A 4 -3.18 14.18 -14.77
CA LYS A 4 -3.02 14.58 -13.36
C LYS A 4 -2.57 13.39 -12.52
N ASN A 5 -1.44 12.79 -12.91
CA ASN A 5 -0.90 11.65 -12.19
C ASN A 5 -0.14 12.11 -10.95
N ILE A 6 0.59 13.21 -11.09
CA ILE A 6 1.36 13.76 -9.98
C ILE A 6 0.46 14.47 -8.98
N LEU A 7 0.26 13.83 -7.82
CA LEU A 7 -0.59 14.40 -6.77
C LEU A 7 0.21 14.65 -5.49
N PRO A 8 -0.25 15.60 -4.66
CA PRO A 8 0.41 15.94 -3.40
C PRO A 8 0.20 14.86 -2.34
N GLN A 9 0.00 15.30 -1.11
CA GLN A 9 -0.23 14.40 0.01
C GLN A 9 -1.57 13.69 -0.10
N GLN A 10 -2.26 14.00 -1.18
CA GLN A 10 -3.58 13.43 -1.45
C GLN A 10 -3.47 12.01 -2.01
N GLY A 11 -2.48 11.80 -2.87
CA GLY A 11 -2.29 10.49 -3.47
C GLY A 11 -1.19 9.69 -2.79
N GLN A 12 -0.62 10.27 -1.74
CA GLN A 12 0.45 9.64 -0.99
C GLN A 12 -0.02 8.38 -0.25
N PRO A 13 -1.18 8.44 0.42
CA PRO A 13 -1.74 7.32 1.17
C PRO A 13 -2.38 6.28 0.26
N VAL A 14 -2.52 6.62 -1.01
CA VAL A 14 -3.09 5.70 -1.97
C VAL A 14 -2.05 4.66 -2.36
N ILE A 15 -0.79 5.03 -2.15
CA ILE A 15 0.33 4.13 -2.45
C ILE A 15 0.72 3.36 -1.21
N ARG A 16 0.33 3.90 -0.06
CA ARG A 16 0.60 3.27 1.22
C ARG A 16 -0.53 2.31 1.56
N LEU A 17 -1.71 2.63 1.07
CA LEU A 17 -2.89 1.80 1.28
C LEU A 17 -2.84 0.57 0.39
N THR A 18 -2.36 0.76 -0.83
CA THR A 18 -2.24 -0.32 -1.79
C THR A 18 -1.31 -1.41 -1.26
N ALA A 19 -0.02 -1.08 -1.20
CA ALA A 19 0.98 -2.03 -0.71
C ALA A 19 0.77 -2.29 0.78
N GLY A 20 -0.01 -1.43 1.41
CA GLY A 20 -0.27 -1.58 2.83
C GLY A 20 -1.24 -2.71 3.11
N GLN A 21 -2.23 -2.86 2.23
CA GLN A 21 -3.24 -3.90 2.37
C GLN A 21 -2.62 -5.28 2.23
N LEU A 22 -1.77 -5.45 1.22
CA LEU A 22 -1.12 -6.73 0.99
C LEU A 22 -0.06 -7.00 2.04
N SER A 23 0.72 -5.97 2.39
CA SER A 23 1.75 -6.11 3.40
C SER A 23 1.16 -6.26 4.79
N SER A 24 -0.16 -6.24 4.84
CA SER A 24 -0.88 -6.39 6.09
C SER A 24 -1.26 -7.85 6.31
N GLN A 25 -1.78 -8.46 5.26
CA GLN A 25 -2.17 -9.86 5.30
C GLN A 25 -0.96 -10.74 5.59
N LEU A 26 0.22 -10.24 5.22
CA LEU A 26 1.46 -10.96 5.43
C LEU A 26 2.04 -10.63 6.80
N ALA A 27 1.93 -9.36 7.19
CA ALA A 27 2.43 -8.91 8.48
C ALA A 27 1.94 -9.81 9.61
N GLU A 28 0.66 -10.18 9.54
CA GLU A 28 0.05 -11.03 10.55
C GLU A 28 0.46 -12.49 10.38
N LEU A 29 0.77 -12.90 9.15
CA LEU A 29 1.17 -14.27 8.88
C LEU A 29 2.38 -14.31 7.95
N SER A 30 3.49 -13.75 8.41
CA SER A 30 4.71 -13.72 7.64
C SER A 30 5.15 -15.12 7.24
N GLU A 31 5.16 -16.03 8.21
CA GLU A 31 5.56 -17.41 7.97
C GLU A 31 4.68 -18.06 6.90
N GLU A 32 5.28 -18.35 5.75
CA GLU A 32 4.55 -18.99 4.66
C GLU A 32 4.31 -20.46 4.93
N ALA A 33 3.31 -21.03 4.29
CA ALA A 33 2.97 -22.44 4.48
C ALA A 33 3.19 -23.23 3.19
N LEU A 34 3.38 -24.53 3.32
CA LEU A 34 3.61 -25.40 2.17
C LEU A 34 3.17 -26.83 2.47
N MET A 1 1.24 5.30 -23.61
CA MET A 1 0.79 6.44 -24.46
C MET A 1 -0.06 7.41 -23.66
N ASN A 2 0.48 7.87 -22.52
CA ASN A 2 -0.23 8.80 -21.67
C ASN A 2 0.73 9.51 -20.71
N LYS A 3 0.59 10.83 -20.61
CA LYS A 3 1.44 11.62 -19.72
C LYS A 3 0.62 12.67 -18.97
N LYS A 4 -0.21 12.21 -18.04
CA LYS A 4 -1.03 13.11 -17.25
C LYS A 4 -1.57 12.40 -16.01
N ASN A 5 -0.71 11.64 -15.35
CA ASN A 5 -1.10 10.90 -14.14
C ASN A 5 -0.36 11.45 -12.92
N ILE A 6 -0.40 12.77 -12.75
CA ILE A 6 0.26 13.41 -11.63
C ILE A 6 -0.75 13.89 -10.59
N LEU A 7 -0.87 13.14 -9.50
CA LEU A 7 -1.80 13.48 -8.44
C LEU A 7 -1.09 14.22 -7.30
N PRO A 8 -1.84 14.97 -6.46
CA PRO A 8 -1.26 15.70 -5.35
C PRO A 8 -1.02 14.83 -4.13
N GLN A 9 -1.16 15.43 -2.95
CA GLN A 9 -0.95 14.71 -1.70
C GLN A 9 -2.11 13.77 -1.42
N GLN A 10 -3.04 13.75 -2.36
CA GLN A 10 -4.22 12.91 -2.25
C GLN A 10 -3.91 11.47 -2.63
N GLY A 11 -3.00 11.30 -3.59
CA GLY A 11 -2.64 9.97 -4.03
C GLY A 11 -1.42 9.44 -3.31
N GLN A 12 -0.91 10.23 -2.38
CA GLN A 12 0.26 9.87 -1.61
C GLN A 12 -0.02 8.67 -0.69
N PRO A 13 -1.13 8.72 0.07
CA PRO A 13 -1.52 7.67 1.00
C PRO A 13 -2.24 6.53 0.31
N VAL A 14 -2.56 6.74 -0.96
CA VAL A 14 -3.22 5.73 -1.76
C VAL A 14 -2.22 4.66 -2.15
N ILE A 15 -0.95 5.07 -2.21
CA ILE A 15 0.13 4.18 -2.55
C ILE A 15 0.62 3.43 -1.33
N ARG A 16 0.42 4.05 -0.18
CA ARG A 16 0.81 3.46 1.09
C ARG A 16 -0.27 2.49 1.54
N LEU A 17 -1.50 2.90 1.31
CA LEU A 17 -2.66 2.09 1.66
C LEU A 17 -2.72 0.83 0.81
N THR A 18 -2.36 0.97 -0.46
CA THR A 18 -2.35 -0.15 -1.38
C THR A 18 -1.38 -1.22 -0.91
N ALA A 19 -0.08 -0.92 -1.02
CA ALA A 19 0.94 -1.85 -0.60
C ALA A 19 0.81 -2.13 0.89
N GLY A 20 0.08 -1.28 1.58
CA GLY A 20 -0.14 -1.44 2.99
C GLY A 20 -1.05 -2.60 3.31
N GLN A 21 -2.15 -2.68 2.59
CA GLN A 21 -3.13 -3.74 2.78
C GLN A 21 -2.49 -5.10 2.52
N LEU A 22 -1.69 -5.18 1.46
CA LEU A 22 -1.01 -6.41 1.10
C LEU A 22 0.08 -6.76 2.11
N SER A 23 0.84 -5.75 2.54
CA SER A 23 1.90 -5.95 3.50
C SER A 23 1.35 -6.23 4.88
N SER A 24 0.02 -6.23 4.97
CA SER A 24 -0.66 -6.51 6.22
C SER A 24 -1.05 -7.98 6.28
N GLN A 25 -1.33 -8.55 5.11
CA GLN A 25 -1.71 -9.95 5.01
C GLN A 25 -0.53 -10.84 5.41
N LEU A 26 0.68 -10.34 5.18
CA LEU A 26 1.88 -11.07 5.54
C LEU A 26 2.19 -10.90 7.02
N ALA A 27 1.96 -9.69 7.52
CA ALA A 27 2.20 -9.38 8.92
C ALA A 27 1.42 -10.34 9.81
N GLU A 28 0.20 -10.66 9.41
CA GLU A 28 -0.65 -11.55 10.16
C GLU A 28 -0.20 -13.01 9.99
N LEU A 29 0.41 -13.31 8.84
CA LEU A 29 0.87 -14.67 8.56
C LEU A 29 2.17 -14.64 7.77
N SER A 30 3.28 -14.44 8.48
CA SER A 30 4.59 -14.38 7.85
C SER A 30 4.82 -15.57 6.93
N GLU A 31 4.65 -16.78 7.46
CA GLU A 31 4.83 -18.00 6.69
C GLU A 31 3.98 -17.97 5.43
N GLU A 32 4.57 -18.34 4.30
CA GLU A 32 3.87 -18.36 3.03
C GLU A 32 4.32 -19.54 2.17
N ALA A 33 5.39 -20.20 2.61
CA ALA A 33 5.93 -21.35 1.88
C ALA A 33 5.29 -22.64 2.35
N LEU A 34 5.28 -23.65 1.48
CA LEU A 34 4.70 -24.94 1.80
C LEU A 34 5.40 -26.05 1.02
N MET A 1 14.33 2.47 0.15
CA MET A 1 14.48 3.67 -0.71
C MET A 1 14.07 3.36 -2.14
N ASN A 2 13.53 4.36 -2.83
CA ASN A 2 13.10 4.20 -4.22
C ASN A 2 12.79 5.55 -4.87
N LYS A 3 12.54 5.53 -6.16
CA LYS A 3 12.23 6.75 -6.91
C LYS A 3 10.78 6.74 -7.37
N LYS A 4 9.85 6.62 -6.43
CA LYS A 4 8.43 6.59 -6.74
C LYS A 4 7.67 7.65 -5.93
N ASN A 5 6.91 8.48 -6.63
CA ASN A 5 6.14 9.54 -6.00
C ASN A 5 5.09 10.11 -6.95
N ILE A 6 3.87 9.58 -6.86
CA ILE A 6 2.78 10.03 -7.72
C ILE A 6 1.85 10.98 -6.97
N LEU A 7 1.69 12.19 -7.51
CA LEU A 7 0.82 13.19 -6.90
C LEU A 7 1.33 13.61 -5.51
N PRO A 8 1.00 14.85 -5.08
CA PRO A 8 1.39 15.38 -3.77
C PRO A 8 0.90 14.49 -2.62
N GLN A 9 0.59 15.14 -1.50
CA GLN A 9 0.10 14.42 -0.33
C GLN A 9 -1.28 13.86 -0.55
N GLN A 10 -1.78 14.08 -1.75
CA GLN A 10 -3.10 13.62 -2.15
C GLN A 10 -3.07 12.14 -2.54
N GLY A 11 -2.16 11.79 -3.43
CA GLY A 11 -2.03 10.42 -3.88
C GLY A 11 -0.98 9.64 -3.12
N GLN A 12 -0.41 10.29 -2.13
CA GLN A 12 0.62 9.69 -1.30
C GLN A 12 0.09 8.48 -0.50
N PRO A 13 -1.08 8.62 0.13
CA PRO A 13 -1.68 7.56 0.92
C PRO A 13 -2.33 6.49 0.07
N VAL A 14 -2.42 6.76 -1.23
CA VAL A 14 -2.99 5.81 -2.16
C VAL A 14 -1.99 4.68 -2.43
N ILE A 15 -0.72 5.00 -2.20
CA ILE A 15 0.36 4.04 -2.39
C ILE A 15 0.68 3.33 -1.09
N ARG A 16 0.37 3.99 0.01
CA ARG A 16 0.59 3.43 1.33
C ARG A 16 -0.56 2.51 1.71
N LEU A 17 -1.73 2.84 1.20
CA LEU A 17 -2.94 2.05 1.45
C LEU A 17 -2.92 0.79 0.61
N THR A 18 -2.57 0.95 -0.67
CA THR A 18 -2.50 -0.17 -1.58
C THR A 18 -1.55 -1.23 -1.08
N ALA A 19 -0.26 -0.91 -1.08
CA ALA A 19 0.76 -1.83 -0.60
C ALA A 19 0.55 -2.12 0.88
N GLY A 20 -0.27 -1.30 1.51
CA GLY A 20 -0.57 -1.47 2.92
C GLY A 20 -1.46 -2.67 3.16
N GLN A 21 -2.53 -2.76 2.39
CA GLN A 21 -3.48 -3.85 2.51
C GLN A 21 -2.77 -5.19 2.32
N LEU A 22 -1.87 -5.24 1.34
CA LEU A 22 -1.10 -6.43 1.05
C LEU A 22 -0.12 -6.73 2.17
N SER A 23 0.58 -5.70 2.62
CA SER A 23 1.57 -5.84 3.69
C SER A 23 0.90 -6.20 5.01
N SER A 24 -0.41 -6.27 4.98
CA SER A 24 -1.20 -6.61 6.16
C SER A 24 -1.47 -8.10 6.20
N GLN A 25 -1.61 -8.68 5.02
CA GLN A 25 -1.87 -10.11 4.90
C GLN A 25 -0.64 -10.92 5.31
N LEU A 26 0.53 -10.29 5.18
CA LEU A 26 1.78 -10.93 5.54
C LEU A 26 2.12 -10.67 7.00
N ALA A 27 1.73 -9.50 7.49
CA ALA A 27 1.99 -9.13 8.87
C ALA A 27 1.56 -10.24 9.82
N GLU A 28 0.40 -10.82 9.55
CA GLU A 28 -0.13 -11.89 10.37
C GLU A 28 0.72 -13.17 10.26
N LEU A 29 1.29 -13.39 9.07
CA LEU A 29 2.13 -14.57 8.85
C LEU A 29 3.33 -14.23 7.98
N SER A 30 4.29 -13.51 8.55
CA SER A 30 5.49 -13.12 7.83
C SER A 30 6.17 -14.31 7.18
N GLU A 31 5.99 -14.45 5.87
CA GLU A 31 6.59 -15.55 5.12
C GLU A 31 8.06 -15.28 4.84
N GLU A 32 8.34 -14.07 4.34
CA GLU A 32 9.71 -13.68 4.03
C GLU A 32 10.10 -12.42 4.79
N ALA A 33 11.41 -12.22 4.98
CA ALA A 33 11.91 -11.06 5.69
C ALA A 33 13.39 -10.85 5.42
N LEU A 34 13.78 -9.60 5.23
CA LEU A 34 15.17 -9.25 4.96
C LEU A 34 15.70 -9.98 3.73
#